data_6HF4
#
_entry.id   6HF4
#
_cell.length_a   50.122
_cell.length_b   68.363
_cell.length_c   94.993
_cell.angle_alpha   90.00
_cell.angle_beta   90.00
_cell.angle_gamma   90.00
#
_symmetry.space_group_name_H-M   'P 21 21 21'
#
loop_
_entity.id
_entity.type
_entity.pdbx_description
1 polymer 'Glycosyl hydrolase family 26'
2 branched beta-D-mannopyranose-(1-4)-[alpha-D-galactopyranose-(1-6)]beta-D-mannopyranose-(1-4)-beta-D-mannopyranose-(1-4)-beta-D-mannopyranose
3 non-polymer 'CALCIUM ION'
4 non-polymer 'CHLORIDE ION'
5 water water
#
_entity_poly.entity_id   1
_entity_poly.type   'polypeptide(L)'
_entity_poly.pdbx_seq_one_letter_code
;MKNIYNFLIYFIFCGIGAGCSSSSGEDFPAPESEPVDNSLIKKELCTEGASVEAKKVYTYLRNCWGRKTLSSTMANVTWN
VNEAIWVNRQTGKYPAIACFDYMNLPASPADWIDYNKISVVEDWWNAGGLVAACWHWNVPVTENSSEYKCMISETDFDIT
KALQEGTRENEIIKADLEELAGYLLLLKQKNIPVIWRPLHEAAGKWFWWGKDAASYKRLWKLVYETFKQKGLNNLIWVWT
SETNDRDWYPGDAYVDIIGRDVYHKTSAAGLATDFDALKKAFPDKLIALSECGDVATIDKQLAAGAQWAWFMTWYDYEVT
KDTTAPVFNSGQHEHADKAWWNNAFGQPGVICRSDLPSFKLEHHHHHH
;
_entity_poly.pdbx_strand_id   A
#
loop_
_chem_comp.id
_chem_comp.type
_chem_comp.name
_chem_comp.formula
BMA D-saccharide, beta linking beta-D-mannopyranose 'C6 H12 O6'
CA non-polymer 'CALCIUM ION' 'Ca 2'
CL non-polymer 'CHLORIDE ION' 'Cl -1'
GLA D-saccharide, alpha linking alpha-D-galactopyranose 'C6 H12 O6'
#
# COMPACT_ATOMS: atom_id res chain seq x y z
N ASP A 37 -11.01 -4.84 -22.82
CA ASP A 37 -11.58 -6.07 -22.29
C ASP A 37 -10.92 -6.44 -20.96
N ASN A 38 -11.73 -6.57 -19.91
CA ASN A 38 -11.24 -6.89 -18.57
C ASN A 38 -11.71 -8.26 -18.11
N SER A 39 -12.08 -9.13 -19.05
CA SER A 39 -12.70 -10.41 -18.72
C SER A 39 -11.72 -11.36 -18.03
N LEU A 40 -10.42 -11.21 -18.26
CA LEU A 40 -9.48 -12.08 -17.57
C LEU A 40 -9.41 -11.76 -16.08
N ILE A 41 -9.68 -10.51 -15.70
CA ILE A 41 -9.55 -10.11 -14.30
C ILE A 41 -10.65 -10.79 -13.48
N LYS A 42 -10.25 -11.50 -12.42
CA LYS A 42 -11.22 -12.18 -11.56
C LYS A 42 -12.24 -11.18 -11.04
N LYS A 43 -13.48 -11.64 -10.89
CA LYS A 43 -14.58 -10.73 -10.58
C LYS A 43 -14.85 -10.57 -9.10
N GLU A 44 -14.41 -11.50 -8.27
CA GLU A 44 -14.71 -11.44 -6.85
C GLU A 44 -13.43 -11.32 -6.04
N LEU A 45 -13.56 -10.69 -4.89
CA LEU A 45 -12.47 -10.64 -3.92
C LEU A 45 -12.26 -12.01 -3.30
N CYS A 46 -11.00 -12.28 -2.94
CA CYS A 46 -10.63 -13.54 -2.33
C CYS A 46 -11.27 -13.72 -0.95
N THR A 47 -11.74 -12.66 -0.34
CA THR A 47 -12.34 -12.73 0.97
C THR A 47 -13.82 -13.14 0.87
N GLU A 48 -14.17 -14.23 1.55
CA GLU A 48 -15.58 -14.63 1.65
C GLU A 48 -16.38 -13.58 2.40
N GLY A 49 -17.50 -13.20 1.83
CA GLY A 49 -18.36 -12.21 2.47
C GLY A 49 -17.72 -10.85 2.63
N ALA A 50 -16.94 -10.42 1.65
CA ALA A 50 -16.33 -9.10 1.68
C ALA A 50 -17.38 -8.00 1.88
N SER A 51 -16.97 -6.89 2.52
CA SER A 51 -17.91 -5.83 2.85
C SER A 51 -18.48 -5.19 1.59
N VAL A 52 -19.64 -4.55 1.76
CA VAL A 52 -20.32 -3.93 0.62
C VAL A 52 -19.43 -2.86 -0.01
N GLU A 53 -18.71 -2.09 0.80
CA GLU A 53 -17.87 -1.03 0.24
C GLU A 53 -16.64 -1.62 -0.45
N ALA A 54 -16.09 -2.69 0.11
CA ALA A 54 -14.90 -3.26 -0.51
C ALA A 54 -15.25 -3.84 -1.88
N LYS A 55 -16.44 -4.45 -2.01
CA LYS A 55 -16.82 -4.96 -3.31
C LYS A 55 -17.00 -3.83 -4.31
N LYS A 56 -17.60 -2.71 -3.88
CA LYS A 56 -17.77 -1.56 -4.77
C LYS A 56 -16.43 -1.03 -5.24
N VAL A 57 -15.47 -0.89 -4.32
CA VAL A 57 -14.17 -0.37 -4.70
C VAL A 57 -13.51 -1.31 -5.69
N TYR A 58 -13.52 -2.62 -5.37
CA TYR A 58 -12.89 -3.58 -6.26
C TYR A 58 -13.56 -3.58 -7.64
N THR A 59 -14.89 -3.60 -7.67
CA THR A 59 -15.58 -3.57 -8.97
C THR A 59 -15.20 -2.34 -9.79
N TYR A 60 -15.11 -1.18 -9.14
CA TYR A 60 -14.71 0.02 -9.87
C TYR A 60 -13.30 -0.11 -10.43
N LEU A 61 -12.37 -0.59 -9.60
CA LEU A 61 -11.00 -0.82 -10.08
C LEU A 61 -10.99 -1.77 -11.27
N ARG A 62 -11.76 -2.85 -11.19
CA ARG A 62 -11.83 -3.81 -12.30
C ARG A 62 -12.39 -3.14 -13.55
N ASN A 63 -13.37 -2.27 -13.39
CA ASN A 63 -13.95 -1.55 -14.53
C ASN A 63 -12.98 -0.55 -15.14
N CYS A 64 -12.05 -0.02 -14.34
CA CYS A 64 -11.06 0.92 -14.83
C CYS A 64 -9.91 0.25 -15.57
N TRP A 65 -9.77 -1.06 -15.44
CA TRP A 65 -8.59 -1.75 -15.94
C TRP A 65 -8.44 -1.58 -17.44
N GLY A 66 -7.25 -1.14 -17.87
CA GLY A 66 -6.95 -0.90 -19.26
C GLY A 66 -7.49 0.41 -19.82
N ARG A 67 -8.26 1.16 -19.05
CA ARG A 67 -8.82 2.44 -19.48
C ARG A 67 -8.29 3.63 -18.69
N LYS A 68 -8.13 3.48 -17.38
CA LYS A 68 -7.80 4.60 -16.49
C LYS A 68 -6.75 4.14 -15.49
N THR A 69 -5.99 5.10 -14.97
CA THR A 69 -5.01 4.86 -13.91
C THR A 69 -5.29 5.81 -12.76
N LEU A 70 -5.44 5.25 -11.55
CA LEU A 70 -5.70 6.06 -10.38
C LEU A 70 -4.41 6.67 -9.87
N SER A 71 -4.51 7.91 -9.39
CA SER A 71 -3.40 8.59 -8.75
C SER A 71 -3.42 8.31 -7.23
N SER A 72 -2.24 8.32 -6.63
CA SER A 72 -2.11 8.01 -5.21
C SER A 72 -0.86 8.68 -4.61
N THR A 73 -0.97 9.06 -3.34
CA THR A 73 0.16 9.55 -2.57
C THR A 73 0.29 8.77 -1.27
N MET A 74 1.50 8.77 -0.74
CA MET A 74 1.78 8.14 0.54
C MET A 74 1.65 9.18 1.64
N ALA A 75 1.27 8.72 2.84
CA ALA A 75 1.37 9.58 4.02
C ALA A 75 2.81 10.07 4.20
N ASN A 76 2.98 11.23 4.81
CA ASN A 76 4.30 11.60 5.31
C ASN A 76 4.56 10.71 6.54
N VAL A 77 5.41 9.70 6.34
CA VAL A 77 5.74 8.64 7.30
C VAL A 77 4.55 7.71 7.54
N THR A 78 3.54 8.12 8.32
CA THR A 78 2.51 7.13 8.68
C THR A 78 1.05 7.55 8.59
N TRP A 79 0.66 8.67 9.20
CA TRP A 79 -0.75 8.86 9.62
C TRP A 79 -1.24 10.30 9.38
N ASN A 80 -1.30 10.70 8.11
CA ASN A 80 -1.73 12.03 7.70
C ASN A 80 -1.91 11.99 6.19
N VAL A 81 -2.49 13.04 5.62
CA VAL A 81 -2.59 13.12 4.16
C VAL A 81 -1.78 14.31 3.67
N ASN A 82 -0.65 14.56 4.33
CA ASN A 82 0.16 15.73 4.02
C ASN A 82 0.61 15.74 2.57
N GLU A 83 0.92 14.58 2.01
CA GLU A 83 1.39 14.57 0.63
C GLU A 83 0.24 14.78 -0.35
N ALA A 84 -0.97 14.33 -0.01
CA ALA A 84 -2.12 14.66 -0.84
C ALA A 84 -2.38 16.16 -0.84
N ILE A 85 -2.29 16.79 0.34
CA ILE A 85 -2.45 18.24 0.45
C ILE A 85 -1.40 18.96 -0.39
N TRP A 86 -0.16 18.44 -0.38
CA TRP A 86 0.92 19.05 -1.16
C TRP A 86 0.62 18.98 -2.65
N VAL A 87 0.19 17.81 -3.12
CA VAL A 87 -0.13 17.67 -4.54
C VAL A 87 -1.23 18.64 -4.94
N ASN A 88 -2.25 18.80 -4.11
CA ASN A 88 -3.29 19.76 -4.46
C ASN A 88 -2.73 21.16 -4.56
N ARG A 89 -1.86 21.55 -3.62
N ARG A 89 -1.86 21.55 -3.63
CA ARG A 89 -1.25 22.89 -3.67
CA ARG A 89 -1.28 22.89 -3.69
C ARG A 89 -0.39 23.06 -4.91
C ARG A 89 -0.32 23.07 -4.86
N GLN A 90 0.22 21.98 -5.40
CA GLN A 90 1.05 22.06 -6.59
C GLN A 90 0.26 22.03 -7.89
N THR A 91 -0.95 21.47 -7.89
CA THR A 91 -1.68 21.16 -9.13
C THR A 91 -3.13 21.60 -9.15
N GLY A 92 -3.77 21.79 -8.00
CA GLY A 92 -5.17 22.05 -7.97
C GLY A 92 -6.05 20.83 -7.90
N LYS A 93 -5.46 19.62 -7.88
CA LYS A 93 -6.23 18.38 -7.83
C LYS A 93 -5.68 17.50 -6.72
N TYR A 94 -6.51 16.65 -6.19
CA TYR A 94 -6.11 15.68 -5.17
C TYR A 94 -5.90 14.31 -5.80
N PRO A 95 -4.96 13.53 -5.29
CA PRO A 95 -4.86 12.13 -5.76
C PRO A 95 -6.10 11.36 -5.36
N ALA A 96 -6.34 10.24 -6.06
CA ALA A 96 -7.55 9.47 -5.78
C ALA A 96 -7.43 8.66 -4.50
N ILE A 97 -6.25 8.08 -4.26
CA ILE A 97 -5.99 7.15 -3.17
C ILE A 97 -4.99 7.79 -2.23
N ALA A 98 -5.27 7.76 -0.94
CA ALA A 98 -4.30 8.15 0.07
C ALA A 98 -3.90 6.91 0.84
N CYS A 99 -2.60 6.73 1.05
CA CYS A 99 -2.10 5.55 1.74
C CYS A 99 -1.54 5.91 3.11
N PHE A 100 -1.75 5.01 4.07
CA PHE A 100 -1.28 5.15 5.44
C PHE A 100 -0.40 3.97 5.80
N ASP A 101 0.41 4.13 6.85
CA ASP A 101 1.36 3.08 7.25
C ASP A 101 1.17 2.80 8.74
N TYR A 102 0.99 1.51 9.07
CA TYR A 102 0.81 1.07 10.44
C TYR A 102 2.14 0.71 11.10
N MET A 103 3.24 1.22 10.56
CA MET A 103 4.58 0.95 11.05
C MET A 103 4.71 1.17 12.55
N ASN A 104 4.03 2.16 13.10
CA ASN A 104 4.31 2.57 14.47
C ASN A 104 3.50 1.80 15.53
N LEU A 105 3.18 0.53 15.26
CA LEU A 105 2.61 -0.33 16.30
C LEU A 105 3.39 -0.33 17.62
N PRO A 106 4.73 -0.35 17.64
CA PRO A 106 5.41 -0.39 18.94
C PRO A 106 5.12 0.83 19.81
N ALA A 107 5.04 2.04 19.23
CA ALA A 107 4.79 3.22 20.06
C ALA A 107 3.30 3.46 20.32
N SER A 108 2.44 3.20 19.34
CA SER A 108 1.02 3.49 19.47
C SER A 108 0.35 2.58 20.51
N PRO A 109 -0.63 3.10 21.27
CA PRO A 109 -1.05 4.49 21.33
C PRO A 109 -0.09 5.35 22.15
N ALA A 110 0.09 6.57 21.67
CA ALA A 110 1.00 7.52 22.29
C ALA A 110 0.58 8.90 21.84
N ASP A 111 1.09 9.92 22.54
CA ASP A 111 0.66 11.29 22.25
C ASP A 111 1.01 11.71 20.83
N TRP A 112 2.10 11.18 20.27
CA TRP A 112 2.54 11.58 18.94
C TRP A 112 2.08 10.64 17.83
N ILE A 113 1.50 9.49 18.17
CA ILE A 113 0.95 8.59 17.17
C ILE A 113 -0.07 7.68 17.84
N ASP A 114 -1.31 7.72 17.37
CA ASP A 114 -2.37 6.88 17.93
C ASP A 114 -3.28 6.41 16.80
N TYR A 115 -3.12 5.13 16.42
CA TYR A 115 -3.93 4.53 15.37
C TYR A 115 -5.39 4.32 15.78
N ASN A 116 -5.73 4.52 17.07
CA ASN A 116 -7.15 4.60 17.42
C ASN A 116 -7.78 5.88 16.92
N LYS A 117 -6.99 6.93 16.67
CA LYS A 117 -7.53 8.23 16.23
C LYS A 117 -7.69 8.19 14.71
N ILE A 118 -8.82 7.65 14.25
CA ILE A 118 -8.97 7.33 12.83
C ILE A 118 -9.58 8.49 12.07
N SER A 119 -9.67 9.67 12.71
CA SER A 119 -10.32 10.79 12.03
C SER A 119 -9.64 11.17 10.73
N VAL A 120 -8.30 11.09 10.69
CA VAL A 120 -7.61 11.42 9.43
C VAL A 120 -8.07 10.50 8.32
N VAL A 121 -8.36 9.23 8.63
CA VAL A 121 -8.76 8.28 7.61
C VAL A 121 -10.23 8.48 7.23
N GLU A 122 -11.10 8.64 8.23
CA GLU A 122 -12.52 8.91 7.96
C GLU A 122 -12.71 10.19 7.17
N ASP A 123 -11.97 11.23 7.52
CA ASP A 123 -12.09 12.51 6.82
C ASP A 123 -11.77 12.37 5.34
N TRP A 124 -10.76 11.56 5.01
CA TRP A 124 -10.36 11.39 3.62
C TRP A 124 -11.39 10.56 2.86
N TRP A 125 -11.87 9.48 3.48
CA TRP A 125 -12.92 8.68 2.87
C TRP A 125 -14.19 9.48 2.68
N ASN A 126 -14.57 10.27 3.70
CA ASN A 126 -15.79 11.06 3.59
C ASN A 126 -15.65 12.22 2.61
N ALA A 127 -14.42 12.64 2.28
CA ALA A 127 -14.21 13.60 1.21
C ALA A 127 -14.20 12.94 -0.17
N GLY A 128 -14.48 11.63 -0.24
CA GLY A 128 -14.62 10.95 -1.50
C GLY A 128 -13.39 10.20 -1.98
N GLY A 129 -12.30 10.18 -1.18
CA GLY A 129 -11.09 9.49 -1.58
C GLY A 129 -11.10 8.01 -1.19
N LEU A 130 -10.23 7.25 -1.86
CA LEU A 130 -10.00 5.84 -1.56
C LEU A 130 -8.90 5.71 -0.51
N VAL A 131 -8.99 4.69 0.32
CA VAL A 131 -8.08 4.50 1.44
C VAL A 131 -7.21 3.27 1.19
N ALA A 132 -5.91 3.42 1.38
CA ALA A 132 -4.98 2.32 1.29
C ALA A 132 -4.13 2.28 2.55
N ALA A 133 -3.49 1.14 2.79
CA ALA A 133 -2.58 1.05 3.92
CA ALA A 133 -2.57 1.06 3.91
C ALA A 133 -1.49 0.04 3.62
N CYS A 134 -0.27 0.35 4.02
CA CYS A 134 0.80 -0.64 4.01
C CYS A 134 1.32 -0.74 5.44
N TRP A 135 2.43 -1.45 5.61
CA TRP A 135 2.85 -1.86 6.95
C TRP A 135 4.33 -2.21 6.94
N HIS A 136 5.17 -1.26 7.34
CA HIS A 136 6.57 -1.61 7.60
C HIS A 136 6.55 -2.23 8.99
N TRP A 137 6.59 -3.56 9.03
CA TRP A 137 6.46 -4.32 10.28
C TRP A 137 7.73 -4.17 11.11
N ASN A 138 7.71 -3.26 12.09
CA ASN A 138 8.89 -3.01 12.90
C ASN A 138 8.95 -3.98 14.07
N VAL A 139 10.13 -4.54 14.29
CA VAL A 139 10.34 -5.58 15.29
C VAL A 139 11.61 -5.20 16.06
N PRO A 140 11.84 -5.79 17.25
CA PRO A 140 13.01 -5.38 18.03
C PRO A 140 14.32 -5.64 17.29
N VAL A 141 15.23 -4.67 17.35
CA VAL A 141 16.53 -4.81 16.71
C VAL A 141 17.25 -6.05 17.25
N THR A 142 17.08 -6.32 18.54
CA THR A 142 17.58 -7.54 19.15
C THR A 142 16.71 -7.82 20.36
N GLU A 143 16.92 -8.98 20.97
CA GLU A 143 16.13 -9.39 22.13
C GLU A 143 16.16 -8.32 23.21
N ASN A 144 14.97 -7.96 23.70
CA ASN A 144 14.78 -6.95 24.74
C ASN A 144 15.16 -5.55 24.32
N SER A 145 15.34 -5.30 23.02
CA SER A 145 15.62 -3.95 22.57
C SER A 145 14.37 -3.08 22.64
N SER A 146 14.58 -1.79 22.89
CA SER A 146 13.53 -0.80 22.84
C SER A 146 13.52 -0.04 21.51
N GLU A 147 14.34 -0.47 20.56
CA GLU A 147 14.38 0.08 19.21
C GLU A 147 13.83 -0.95 18.24
N TYR A 148 13.06 -0.49 17.25
CA TYR A 148 12.31 -1.37 16.37
C TYR A 148 12.61 -1.00 14.92
N LYS A 149 12.89 -2.00 14.09
CA LYS A 149 13.26 -1.76 12.70
C LYS A 149 12.69 -2.87 11.83
N CYS A 150 12.81 -2.72 10.51
CA CYS A 150 12.27 -3.76 9.64
C CYS A 150 13.30 -4.32 8.67
N MET A 151 14.32 -3.51 8.35
N MET A 151 14.31 -3.52 8.32
CA MET A 151 15.36 -3.96 7.43
CA MET A 151 15.33 -3.98 7.38
C MET A 151 16.24 -5.02 8.07
C MET A 151 16.23 -5.01 8.06
N ILE A 152 16.65 -6.00 7.27
CA ILE A 152 17.50 -7.08 7.78
C ILE A 152 18.84 -6.53 8.27
N SER A 153 19.35 -5.48 7.64
CA SER A 153 20.61 -4.90 8.08
C SER A 153 20.51 -4.26 9.47
N GLU A 154 19.30 -3.97 9.94
CA GLU A 154 19.10 -3.24 11.18
C GLU A 154 18.45 -4.09 12.28
N THR A 155 18.00 -5.30 11.98
CA THR A 155 17.42 -6.17 13.00
C THR A 155 17.80 -7.61 12.72
N ASP A 156 18.12 -8.35 13.79
CA ASP A 156 18.37 -9.78 13.72
C ASP A 156 17.11 -10.62 13.94
N PHE A 157 15.93 -10.02 13.81
CA PHE A 157 14.68 -10.76 14.02
C PHE A 157 14.58 -11.90 13.00
N ASP A 158 14.35 -13.11 13.49
CA ASP A 158 14.39 -14.32 12.69
C ASP A 158 12.97 -14.79 12.37
N ILE A 159 12.59 -14.78 11.08
CA ILE A 159 11.24 -15.23 10.71
C ILE A 159 11.04 -16.70 11.00
N THR A 160 12.09 -17.52 10.86
CA THR A 160 11.94 -18.94 11.17
C THR A 160 11.48 -19.13 12.62
N LYS A 161 12.12 -18.42 13.56
CA LYS A 161 11.68 -18.50 14.95
C LYS A 161 10.31 -17.88 15.14
N ALA A 162 9.98 -16.82 14.39
CA ALA A 162 8.69 -16.17 14.56
C ALA A 162 7.52 -17.10 14.28
N LEU A 163 7.73 -18.11 13.44
CA LEU A 163 6.69 -19.06 13.08
C LEU A 163 6.63 -20.27 14.00
N GLN A 164 7.55 -20.39 14.96
CA GLN A 164 7.55 -21.51 15.90
C GLN A 164 6.74 -21.13 17.14
N GLU A 165 5.81 -21.99 17.54
CA GLU A 165 4.88 -21.65 18.61
C GLU A 165 5.60 -21.25 19.89
N GLY A 166 5.20 -20.13 20.47
CA GLY A 166 5.61 -19.74 21.81
C GLY A 166 6.99 -19.15 21.95
N THR A 167 7.81 -19.12 20.90
CA THR A 167 9.07 -18.43 21.03
C THR A 167 8.84 -16.94 21.30
N ARG A 168 9.92 -16.27 21.72
CA ARG A 168 9.88 -14.82 21.88
CA ARG A 168 9.87 -14.82 21.89
C ARG A 168 9.40 -14.15 20.60
N GLU A 169 9.93 -14.58 19.45
CA GLU A 169 9.56 -14.00 18.17
C GLU A 169 8.09 -14.26 17.84
N ASN A 170 7.61 -15.47 18.14
CA ASN A 170 6.22 -15.82 17.88
C ASN A 170 5.24 -14.97 18.71
N GLU A 171 5.54 -14.80 20.00
CA GLU A 171 4.64 -13.98 20.82
C GLU A 171 4.65 -12.53 20.37
N ILE A 172 5.77 -12.04 19.86
CA ILE A 172 5.86 -10.68 19.35
C ILE A 172 4.94 -10.49 18.14
N ILE A 173 5.07 -11.36 17.13
CA ILE A 173 4.26 -11.15 15.93
C ILE A 173 2.77 -11.39 16.21
N LYS A 174 2.44 -12.33 17.11
CA LYS A 174 1.04 -12.54 17.42
C LYS A 174 0.46 -11.33 18.14
N ALA A 175 1.25 -10.69 19.01
CA ALA A 175 0.76 -9.50 19.69
C ALA A 175 0.63 -8.33 18.73
N ASP A 176 1.51 -8.25 17.73
CA ASP A 176 1.41 -7.18 16.73
C ASP A 176 0.16 -7.37 15.89
N LEU A 177 -0.08 -8.59 15.40
CA LEU A 177 -1.28 -8.86 14.60
C LEU A 177 -2.55 -8.56 15.40
N GLU A 178 -2.56 -8.92 16.68
N GLU A 178 -2.56 -8.93 16.67
CA GLU A 178 -3.72 -8.67 17.53
CA GLU A 178 -3.73 -8.66 17.51
C GLU A 178 -3.99 -7.18 17.66
C GLU A 178 -3.99 -7.16 17.63
N GLU A 179 -2.94 -6.39 17.88
CA GLU A 179 -3.08 -4.95 17.98
C GLU A 179 -3.50 -4.34 16.65
N LEU A 180 -2.87 -4.78 15.55
CA LEU A 180 -3.20 -4.22 14.23
C LEU A 180 -4.62 -4.58 13.81
N ALA A 181 -5.07 -5.82 14.09
CA ALA A 181 -6.45 -6.18 13.78
C ALA A 181 -7.43 -5.26 14.49
N GLY A 182 -7.13 -4.90 15.74
CA GLY A 182 -7.96 -3.95 16.45
C GLY A 182 -8.06 -2.61 15.74
N TYR A 183 -6.91 -2.08 15.30
CA TYR A 183 -6.91 -0.81 14.58
C TYR A 183 -7.70 -0.90 13.28
N LEU A 184 -7.52 -1.98 12.52
CA LEU A 184 -8.23 -2.10 11.26
C LEU A 184 -9.72 -2.33 11.46
N LEU A 185 -10.09 -2.96 12.58
CA LEU A 185 -11.51 -3.16 12.88
C LEU A 185 -12.22 -1.84 13.15
N LEU A 186 -11.52 -0.83 13.68
CA LEU A 186 -12.12 0.49 13.83
C LEU A 186 -12.58 1.05 12.48
N LEU A 187 -11.80 0.80 11.42
CA LEU A 187 -12.20 1.23 10.08
C LEU A 187 -13.32 0.34 9.53
N LYS A 188 -13.24 -0.97 9.76
CA LYS A 188 -14.35 -1.82 9.32
C LYS A 188 -15.65 -1.41 10.00
N GLN A 189 -15.56 -1.05 11.28
CA GLN A 189 -16.73 -0.57 12.05
CA GLN A 189 -16.79 -0.64 11.96
C GLN A 189 -17.34 0.67 11.43
N LYS A 190 -16.51 1.53 10.84
CA LYS A 190 -16.96 2.74 10.17
C LYS A 190 -17.32 2.50 8.71
N ASN A 191 -17.30 1.25 8.26
CA ASN A 191 -17.64 0.87 6.88
C ASN A 191 -16.67 1.46 5.87
N ILE A 192 -15.40 1.51 6.24
CA ILE A 192 -14.34 2.02 5.37
C ILE A 192 -13.54 0.82 4.87
N PRO A 193 -13.50 0.57 3.57
CA PRO A 193 -12.63 -0.48 3.03
C PRO A 193 -11.21 0.01 2.86
N VAL A 194 -10.27 -0.93 2.91
CA VAL A 194 -8.85 -0.59 2.88
C VAL A 194 -8.18 -1.41 1.78
N ILE A 195 -7.52 -0.72 0.85
CA ILE A 195 -6.63 -1.40 -0.09
C ILE A 195 -5.32 -1.70 0.66
N TRP A 196 -5.12 -2.97 1.02
CA TRP A 196 -4.23 -3.41 2.09
C TRP A 196 -3.00 -4.11 1.53
N ARG A 197 -1.81 -3.58 1.81
CA ARG A 197 -0.57 -4.04 1.16
C ARG A 197 0.52 -4.33 2.20
N PRO A 198 0.42 -5.43 2.94
CA PRO A 198 1.44 -5.79 3.92
C PRO A 198 2.60 -6.53 3.27
N LEU A 199 3.67 -6.73 4.06
CA LEU A 199 4.70 -7.72 3.74
C LEU A 199 5.24 -7.51 2.34
N HIS A 200 5.59 -6.28 2.03
CA HIS A 200 5.90 -5.93 0.64
C HIS A 200 7.37 -6.16 0.31
N GLU A 201 7.64 -6.21 -1.00
CA GLU A 201 9.01 -6.32 -1.54
C GLU A 201 9.74 -7.54 -1.00
N ALA A 202 9.01 -8.63 -0.77
CA ALA A 202 9.57 -9.78 -0.06
C ALA A 202 10.81 -10.33 -0.76
N ALA A 203 10.74 -10.55 -2.08
CA ALA A 203 11.86 -11.17 -2.79
C ALA A 203 13.06 -10.25 -2.98
N GLY A 204 12.93 -8.95 -2.69
CA GLY A 204 14.10 -8.10 -2.60
C GLY A 204 15.04 -8.50 -1.48
N LYS A 205 14.55 -9.30 -0.55
CA LYS A 205 15.30 -9.89 0.57
C LYS A 205 15.97 -8.85 1.47
N TRP A 206 15.47 -7.62 1.55
CA TRP A 206 16.08 -6.65 2.46
C TRP A 206 15.28 -6.40 3.73
N PHE A 207 14.05 -6.91 3.81
CA PHE A 207 13.26 -6.84 5.04
C PHE A 207 13.37 -8.18 5.77
N TRP A 208 13.11 -8.15 7.07
CA TRP A 208 13.22 -9.38 7.85
C TRP A 208 12.28 -10.48 7.34
N TRP A 209 11.15 -10.11 6.73
CA TRP A 209 10.24 -11.14 6.22
C TRP A 209 10.66 -11.70 4.87
N GLY A 210 11.81 -11.27 4.34
CA GLY A 210 12.30 -11.80 3.09
C GLY A 210 13.51 -12.70 3.21
N LYS A 211 13.52 -13.56 4.24
CA LYS A 211 14.61 -14.52 4.41
C LYS A 211 14.51 -15.64 3.38
N ASP A 212 13.33 -16.22 3.22
CA ASP A 212 13.13 -17.28 2.22
C ASP A 212 11.66 -17.32 1.85
N ALA A 213 11.40 -17.82 0.63
CA ALA A 213 10.03 -17.82 0.11
C ALA A 213 9.08 -18.67 0.96
N ALA A 214 9.54 -19.83 1.45
CA ALA A 214 8.64 -20.75 2.12
C ALA A 214 8.15 -20.18 3.44
N SER A 215 9.05 -19.61 4.25
CA SER A 215 8.55 -19.03 5.49
C SER A 215 7.76 -17.74 5.23
N TYR A 216 8.10 -17.02 4.16
CA TYR A 216 7.36 -15.82 3.79
C TYR A 216 5.90 -16.14 3.52
N LYS A 217 5.65 -17.20 2.75
CA LYS A 217 4.27 -17.58 2.43
C LYS A 217 3.53 -18.08 3.66
N ARG A 218 4.21 -18.78 4.57
CA ARG A 218 3.57 -19.15 5.83
C ARG A 218 3.19 -17.92 6.63
N LEU A 219 4.06 -16.91 6.64
CA LEU A 219 3.76 -15.69 7.40
C LEU A 219 2.56 -14.95 6.80
N TRP A 220 2.50 -14.85 5.46
CA TRP A 220 1.34 -14.22 4.81
C TRP A 220 0.05 -14.95 5.17
N LYS A 221 0.06 -16.28 5.08
CA LYS A 221 -1.13 -17.06 5.44
C LYS A 221 -1.52 -16.83 6.90
N LEU A 222 -0.54 -16.68 7.79
CA LEU A 222 -0.84 -16.45 9.20
C LEU A 222 -1.53 -15.09 9.39
N VAL A 223 -1.03 -14.06 8.71
CA VAL A 223 -1.68 -12.74 8.77
C VAL A 223 -3.10 -12.84 8.22
N TYR A 224 -3.24 -13.45 7.05
CA TYR A 224 -4.55 -13.56 6.42
C TYR A 224 -5.52 -14.31 7.33
N GLU A 225 -5.10 -15.46 7.87
CA GLU A 225 -6.01 -16.24 8.70
C GLU A 225 -6.32 -15.54 10.02
N THR A 226 -5.36 -14.83 10.60
CA THR A 226 -5.63 -14.06 11.82
C THR A 226 -6.67 -12.97 11.55
N PHE A 227 -6.50 -12.22 10.47
CA PHE A 227 -7.45 -11.14 10.16
C PHE A 227 -8.83 -11.71 9.83
N LYS A 228 -8.89 -12.90 9.22
CA LYS A 228 -10.18 -13.53 9.01
C LYS A 228 -10.82 -13.92 10.33
N GLN A 229 -10.04 -14.49 11.26
CA GLN A 229 -10.57 -14.84 12.57
C GLN A 229 -11.22 -13.64 13.26
N LYS A 230 -10.65 -12.46 13.09
CA LYS A 230 -11.15 -11.25 13.74
C LYS A 230 -12.26 -10.58 12.94
N GLY A 231 -12.67 -11.16 11.83
CA GLY A 231 -13.80 -10.63 11.08
C GLY A 231 -13.51 -9.45 10.18
N LEU A 232 -12.26 -9.28 9.76
CA LEU A 232 -11.90 -8.17 8.87
C LEU A 232 -12.25 -8.56 7.44
N ASN A 233 -13.44 -8.18 7.01
CA ASN A 233 -13.92 -8.45 5.65
C ASN A 233 -13.86 -7.20 4.76
N ASN A 234 -13.13 -6.17 5.17
CA ASN A 234 -13.13 -4.89 4.47
C ASN A 234 -11.82 -4.64 3.75
N LEU A 235 -11.01 -5.67 3.55
CA LEU A 235 -9.68 -5.51 3.02
C LEU A 235 -9.56 -6.08 1.62
N ILE A 236 -8.90 -5.33 0.74
CA ILE A 236 -8.53 -5.78 -0.59
C ILE A 236 -7.02 -6.06 -0.54
N TRP A 237 -6.62 -7.32 -0.74
CA TRP A 237 -5.25 -7.76 -0.44
C TRP A 237 -4.34 -7.54 -1.64
N VAL A 238 -3.27 -6.77 -1.44
CA VAL A 238 -2.33 -6.43 -2.52
C VAL A 238 -0.99 -7.09 -2.21
N TRP A 239 -0.53 -7.98 -3.09
CA TRP A 239 0.78 -8.60 -2.92
C TRP A 239 1.79 -7.94 -3.85
N THR A 240 2.91 -7.51 -3.29
CA THR A 240 3.92 -6.74 -4.01
C THR A 240 4.96 -7.67 -4.59
N SER A 241 5.08 -7.71 -5.91
CA SER A 241 6.01 -8.60 -6.58
C SER A 241 7.28 -7.85 -6.99
N GLU A 242 8.43 -8.54 -6.91
CA GLU A 242 9.68 -8.03 -7.47
C GLU A 242 9.87 -8.41 -8.94
N THR A 243 8.84 -8.97 -9.58
CA THR A 243 8.85 -9.65 -10.89
C THR A 243 9.65 -10.95 -10.82
N ASN A 244 9.20 -11.94 -11.58
CA ASN A 244 9.89 -13.23 -11.66
C ASN A 244 10.12 -13.83 -10.27
N ASP A 245 9.07 -13.81 -9.45
CA ASP A 245 9.24 -14.27 -8.09
C ASP A 245 8.05 -15.12 -7.68
N ARG A 246 7.57 -15.94 -8.61
CA ARG A 246 6.34 -16.70 -8.38
C ARG A 246 6.46 -17.61 -7.16
N ASP A 247 7.69 -18.00 -6.80
CA ASP A 247 7.81 -18.88 -5.66
C ASP A 247 7.50 -18.16 -4.36
N TRP A 248 7.50 -16.83 -4.37
CA TRP A 248 7.12 -16.05 -3.20
C TRP A 248 5.64 -15.70 -3.19
N TYR A 249 4.92 -16.01 -4.25
CA TYR A 249 3.51 -15.69 -4.36
C TYR A 249 2.72 -16.47 -3.31
N PRO A 250 1.97 -15.79 -2.44
CA PRO A 250 1.22 -16.50 -1.38
C PRO A 250 0.09 -17.36 -1.88
N GLY A 251 -0.44 -17.10 -3.07
CA GLY A 251 -1.48 -17.95 -3.63
C GLY A 251 -2.81 -17.24 -3.81
N ASP A 252 -3.66 -17.76 -4.71
CA ASP A 252 -4.88 -17.06 -5.09
C ASP A 252 -5.86 -16.87 -3.93
N ALA A 253 -5.85 -17.79 -2.97
CA ALA A 253 -6.77 -17.68 -1.84
C ALA A 253 -6.48 -16.45 -0.96
N TYR A 254 -5.32 -15.81 -1.09
CA TYR A 254 -4.88 -14.80 -0.14
C TYR A 254 -4.46 -13.51 -0.81
N VAL A 255 -4.69 -13.34 -2.10
CA VAL A 255 -4.24 -12.17 -2.85
C VAL A 255 -5.35 -11.73 -3.80
N ASP A 256 -5.56 -10.42 -3.90
CA ASP A 256 -6.50 -9.82 -4.84
C ASP A 256 -5.84 -9.08 -5.99
N ILE A 257 -4.76 -8.36 -5.72
CA ILE A 257 -4.12 -7.43 -6.66
C ILE A 257 -2.62 -7.59 -6.52
N ILE A 258 -1.88 -7.39 -7.62
CA ILE A 258 -0.42 -7.49 -7.64
C ILE A 258 0.17 -6.09 -7.69
N GLY A 259 1.16 -5.83 -6.85
CA GLY A 259 1.82 -4.54 -6.84
C GLY A 259 3.27 -4.63 -7.23
N ARG A 260 3.83 -3.52 -7.69
CA ARG A 260 5.20 -3.45 -8.15
C ARG A 260 5.76 -2.13 -7.65
N ASP A 261 6.92 -2.16 -7.00
CA ASP A 261 7.57 -0.95 -6.49
C ASP A 261 8.81 -0.66 -7.31
N VAL A 262 8.92 0.57 -7.83
CA VAL A 262 9.96 0.93 -8.79
C VAL A 262 10.53 2.29 -8.45
N TYR A 263 11.85 2.37 -8.23
CA TYR A 263 12.52 3.66 -8.03
C TYR A 263 13.66 3.82 -9.03
N HIS A 264 13.87 5.06 -9.50
CA HIS A 264 14.97 5.38 -10.41
C HIS A 264 14.92 4.52 -11.67
N LYS A 265 13.86 4.71 -12.44
CA LYS A 265 13.71 4.03 -13.72
C LYS A 265 13.04 5.05 -14.65
N THR A 266 13.84 5.68 -15.48
CA THR A 266 13.34 6.78 -16.29
C THR A 266 13.01 6.38 -17.73
N SER A 267 13.31 5.13 -18.12
CA SER A 267 12.89 4.63 -19.42
C SER A 267 11.44 4.15 -19.35
N ALA A 268 10.56 4.80 -20.10
CA ALA A 268 9.15 4.36 -20.13
C ALA A 268 9.02 2.97 -20.71
N ALA A 269 9.88 2.61 -21.66
CA ALA A 269 9.85 1.26 -22.22
C ALA A 269 10.19 0.22 -21.16
N GLY A 270 11.12 0.55 -20.26
CA GLY A 270 11.43 -0.38 -19.18
C GLY A 270 10.24 -0.64 -18.29
N LEU A 271 9.54 0.43 -17.89
CA LEU A 271 8.38 0.26 -17.02
C LEU A 271 7.30 -0.56 -17.70
N ALA A 272 7.09 -0.36 -19.00
CA ALA A 272 6.09 -1.14 -19.71
C ALA A 272 6.51 -2.61 -19.84
N THR A 273 7.81 -2.88 -19.98
CA THR A 273 8.28 -4.25 -19.96
C THR A 273 7.96 -4.93 -18.63
N ASP A 274 8.18 -4.22 -17.51
CA ASP A 274 7.80 -4.74 -16.20
C ASP A 274 6.30 -4.97 -16.11
N PHE A 275 5.51 -3.98 -16.56
CA PHE A 275 4.06 -4.12 -16.54
C PHE A 275 3.61 -5.36 -17.31
N ASP A 276 4.12 -5.52 -18.52
CA ASP A 276 3.70 -6.66 -19.33
C ASP A 276 4.17 -7.99 -18.75
N ALA A 277 5.33 -8.02 -18.10
CA ALA A 277 5.79 -9.24 -17.46
C ALA A 277 4.85 -9.66 -16.33
N LEU A 278 4.42 -8.70 -15.51
CA LEU A 278 3.51 -9.00 -14.43
C LEU A 278 2.15 -9.43 -14.97
N LYS A 279 1.72 -8.83 -16.09
CA LYS A 279 0.44 -9.21 -16.70
C LYS A 279 0.47 -10.65 -17.18
N LYS A 280 1.59 -11.07 -17.78
CA LYS A 280 1.72 -12.45 -18.21
C LYS A 280 1.79 -13.40 -17.03
N ALA A 281 2.39 -12.94 -15.92
CA ALA A 281 2.55 -13.79 -14.75
C ALA A 281 1.25 -13.99 -13.99
N PHE A 282 0.38 -12.98 -13.95
CA PHE A 282 -0.86 -13.02 -13.19
C PHE A 282 -1.98 -12.49 -14.08
N PRO A 283 -2.42 -13.29 -15.06
CA PRO A 283 -3.38 -12.79 -16.05
C PRO A 283 -4.75 -12.45 -15.50
N ASP A 284 -5.08 -12.90 -14.30
CA ASP A 284 -6.40 -12.67 -13.74
C ASP A 284 -6.42 -11.58 -12.67
N LYS A 285 -5.36 -10.77 -12.56
CA LYS A 285 -5.27 -9.77 -11.50
C LYS A 285 -4.85 -8.42 -12.04
N LEU A 286 -5.48 -7.37 -11.49
CA LEU A 286 -5.00 -6.01 -11.65
C LEU A 286 -3.54 -5.89 -11.23
N ILE A 287 -2.79 -5.07 -11.97
CA ILE A 287 -1.39 -4.78 -11.70
C ILE A 287 -1.26 -3.28 -11.42
N ALA A 288 -0.73 -2.93 -10.25
CA ALA A 288 -0.53 -1.54 -9.88
C ALA A 288 0.96 -1.23 -9.70
N LEU A 289 1.31 0.04 -9.82
CA LEU A 289 2.62 0.57 -9.51
C LEU A 289 2.52 1.10 -8.08
N SER A 290 2.71 0.20 -7.11
CA SER A 290 2.29 0.47 -5.74
C SER A 290 3.24 1.41 -4.99
N GLU A 291 4.46 1.59 -5.46
CA GLU A 291 5.33 2.66 -4.98
C GLU A 291 6.14 3.11 -6.17
N CYS A 292 6.41 4.41 -6.27
CA CYS A 292 7.39 4.85 -7.26
C CYS A 292 8.05 6.15 -6.83
N GLY A 293 9.25 6.37 -7.37
CA GLY A 293 9.93 7.64 -7.24
C GLY A 293 10.97 7.72 -8.32
N ASP A 294 11.21 8.93 -8.82
CA ASP A 294 12.14 9.17 -9.92
C ASP A 294 11.86 8.22 -11.09
N VAL A 295 10.63 8.25 -11.59
CA VAL A 295 10.28 7.41 -12.73
C VAL A 295 9.81 8.30 -13.86
N ALA A 296 9.77 7.71 -15.06
CA ALA A 296 9.26 8.41 -16.24
C ALA A 296 7.87 8.99 -15.97
N THR A 297 7.54 10.08 -16.65
CA THR A 297 6.23 10.69 -16.46
C THR A 297 5.14 9.76 -16.97
N ILE A 298 3.94 9.94 -16.41
CA ILE A 298 2.82 9.04 -16.70
C ILE A 298 2.47 9.06 -18.18
N ASP A 299 2.60 10.21 -18.85
CA ASP A 299 2.29 10.22 -20.29
C ASP A 299 3.23 9.30 -21.06
N LYS A 300 4.52 9.32 -20.71
CA LYS A 300 5.46 8.41 -21.36
C LYS A 300 5.16 6.96 -21.02
N GLN A 301 4.78 6.68 -19.77
CA GLN A 301 4.49 5.31 -19.37
C GLN A 301 3.27 4.76 -20.10
N LEU A 302 2.19 5.56 -20.15
CA LEU A 302 0.97 5.14 -20.83
C LEU A 302 1.20 4.97 -22.32
N ALA A 303 1.94 5.90 -22.94
CA ALA A 303 2.27 5.77 -24.35
C ALA A 303 3.01 4.47 -24.63
N ALA A 304 3.96 4.10 -23.74
CA ALA A 304 4.69 2.84 -23.84
C ALA A 304 3.84 1.61 -23.53
N GLY A 305 2.63 1.77 -23.02
CA GLY A 305 1.76 0.65 -22.76
C GLY A 305 1.65 0.22 -21.31
N ALA A 306 2.33 0.90 -20.38
CA ALA A 306 2.23 0.58 -18.96
C ALA A 306 0.93 1.15 -18.40
N GLN A 307 -0.13 0.33 -18.37
CA GLN A 307 -1.42 0.83 -17.92
C GLN A 307 -1.74 0.38 -16.49
N TRP A 308 -0.93 0.83 -15.54
CA TRP A 308 -1.09 0.45 -14.14
C TRP A 308 -2.51 0.74 -13.63
N ALA A 309 -2.99 -0.11 -12.71
CA ALA A 309 -4.28 0.16 -12.08
C ALA A 309 -4.22 1.43 -11.26
N TRP A 310 -3.07 1.68 -10.63
CA TRP A 310 -2.80 2.95 -9.97
C TRP A 310 -1.29 3.11 -9.84
N PHE A 311 -0.86 4.31 -9.50
CA PHE A 311 0.51 4.59 -9.13
C PHE A 311 0.46 5.36 -7.82
N MET A 312 1.42 5.11 -6.93
CA MET A 312 1.55 5.86 -5.69
C MET A 312 2.98 6.35 -5.56
N THR A 313 3.16 7.65 -5.48
CA THR A 313 4.49 8.21 -5.23
C THR A 313 4.82 8.11 -3.75
N TRP A 314 6.10 7.82 -3.45
CA TRP A 314 6.56 7.80 -2.06
C TRP A 314 6.66 9.21 -1.51
N TYR A 315 6.79 9.32 -0.18
CA TYR A 315 6.81 10.63 0.45
C TYR A 315 8.23 11.17 0.56
N ASP A 316 8.32 12.50 0.58
CA ASP A 316 9.57 13.22 0.78
C ASP A 316 9.50 13.79 2.19
N TYR A 317 10.26 13.20 3.10
CA TYR A 317 10.08 13.48 4.52
C TYR A 317 10.20 14.97 4.86
N GLU A 318 11.30 15.59 4.45
CA GLU A 318 11.54 16.98 4.84
C GLU A 318 10.56 17.94 4.19
N VAL A 319 10.06 17.61 3.00
CA VAL A 319 9.21 18.58 2.30
C VAL A 319 7.80 18.60 2.88
N THR A 320 7.22 17.44 3.19
CA THR A 320 5.81 17.39 3.57
C THR A 320 5.58 17.08 5.05
N LYS A 321 6.61 17.08 5.91
CA LYS A 321 6.33 16.72 7.29
C LYS A 321 5.54 17.79 8.03
N ASP A 322 5.50 19.02 7.51
CA ASP A 322 4.88 20.16 8.18
C ASP A 322 4.23 21.02 7.10
N THR A 323 2.89 21.00 7.04
CA THR A 323 2.17 21.72 5.98
C THR A 323 2.24 23.23 6.14
N THR A 324 2.79 23.75 7.23
CA THR A 324 2.89 25.20 7.42
C THR A 324 4.31 25.74 7.27
N ALA A 325 5.31 24.87 6.92
CA ALA A 325 6.69 25.32 6.77
C ALA A 325 6.96 25.81 5.36
N PRO A 326 7.88 26.75 5.19
CA PRO A 326 8.13 27.31 3.85
C PRO A 326 8.51 26.27 2.79
N VAL A 327 9.24 25.22 3.17
CA VAL A 327 9.65 24.18 2.23
C VAL A 327 8.45 23.53 1.56
N PHE A 328 7.31 23.46 2.26
CA PHE A 328 6.09 22.87 1.70
C PHE A 328 5.67 23.49 0.37
N ASN A 329 6.08 24.73 0.10
CA ASN A 329 5.64 25.45 -1.09
C ASN A 329 6.60 25.35 -2.26
N SER A 330 7.83 24.86 -2.06
CA SER A 330 8.87 25.00 -3.08
C SER A 330 8.47 24.36 -4.40
N GLY A 331 7.72 23.26 -4.37
CA GLY A 331 7.46 22.44 -5.54
C GLY A 331 8.47 21.33 -5.77
N GLN A 332 9.65 21.46 -5.19
CA GLN A 332 10.65 20.41 -5.25
C GLN A 332 10.24 19.24 -4.36
N HIS A 333 10.64 18.05 -4.79
CA HIS A 333 10.22 16.80 -4.18
C HIS A 333 11.14 15.71 -4.69
N GLU A 334 11.63 14.87 -3.78
CA GLU A 334 12.63 13.88 -4.13
C GLU A 334 12.08 12.76 -5.02
N HIS A 335 10.77 12.51 -4.98
CA HIS A 335 10.19 11.39 -5.72
C HIS A 335 9.35 11.80 -6.91
N ALA A 336 8.53 12.84 -6.79
CA ALA A 336 7.73 13.33 -7.89
C ALA A 336 7.42 14.80 -7.62
N ASP A 337 7.96 15.70 -8.44
CA ASP A 337 7.85 17.12 -8.16
C ASP A 337 6.63 17.71 -8.84
N LYS A 338 6.49 19.04 -8.73
CA LYS A 338 5.33 19.73 -9.26
C LYS A 338 5.16 19.45 -10.75
N ALA A 339 6.25 19.49 -11.52
CA ALA A 339 6.15 19.27 -12.96
C ALA A 339 5.64 17.86 -13.27
N TRP A 340 6.16 16.87 -12.55
CA TRP A 340 5.72 15.49 -12.76
C TRP A 340 4.23 15.33 -12.48
N TRP A 341 3.75 15.93 -11.39
CA TRP A 341 2.33 15.78 -11.06
C TRP A 341 1.45 16.59 -11.99
N ASN A 342 1.91 17.77 -12.40
CA ASN A 342 1.10 18.52 -13.36
C ASN A 342 1.02 17.77 -14.69
N ASN A 343 2.10 17.10 -15.08
CA ASN A 343 2.07 16.25 -16.26
C ASN A 343 1.09 15.10 -16.11
N ALA A 344 1.10 14.41 -14.95
CA ALA A 344 0.21 13.27 -14.76
C ALA A 344 -1.25 13.68 -14.83
N PHE A 345 -1.60 14.79 -14.19
CA PHE A 345 -2.98 15.22 -14.16
C PHE A 345 -3.43 15.80 -15.50
N GLY A 346 -2.48 16.20 -16.35
CA GLY A 346 -2.83 16.59 -17.71
C GLY A 346 -3.11 15.44 -18.66
N GLN A 347 -3.16 14.19 -18.16
CA GLN A 347 -3.41 13.04 -19.01
C GLN A 347 -4.85 12.58 -18.88
N PRO A 348 -5.53 12.29 -20.00
CA PRO A 348 -6.92 11.81 -19.90
C PRO A 348 -7.07 10.55 -19.08
N GLY A 349 -6.11 9.63 -19.17
CA GLY A 349 -6.26 8.37 -18.46
C GLY A 349 -6.06 8.39 -16.96
N VAL A 350 -5.83 9.55 -16.33
CA VAL A 350 -5.47 9.61 -14.91
C VAL A 350 -6.66 10.09 -14.09
N ILE A 351 -6.97 9.37 -13.03
CA ILE A 351 -8.12 9.68 -12.18
C ILE A 351 -7.63 10.45 -10.96
N CYS A 352 -8.20 11.63 -10.73
CA CYS A 352 -8.03 12.35 -9.47
C CYS A 352 -9.25 12.11 -8.56
N ARG A 353 -9.16 12.61 -7.33
CA ARG A 353 -10.22 12.35 -6.35
C ARG A 353 -11.58 12.83 -6.84
N SER A 354 -11.64 13.99 -7.48
CA SER A 354 -12.93 14.49 -7.91
C SER A 354 -13.53 13.68 -9.06
N ASP A 355 -12.73 12.87 -9.77
CA ASP A 355 -13.25 12.02 -10.84
C ASP A 355 -13.90 10.74 -10.34
N LEU A 356 -13.65 10.38 -9.09
CA LEU A 356 -14.14 9.13 -8.54
C LEU A 356 -15.66 9.18 -8.37
N PRO A 357 -16.34 8.04 -8.54
CA PRO A 357 -17.74 7.93 -8.15
C PRO A 357 -17.84 7.77 -6.63
N SER A 358 -19.07 7.73 -6.13
CA SER A 358 -19.28 7.53 -4.71
C SER A 358 -19.20 6.05 -4.38
N PHE A 359 -18.46 5.71 -3.32
CA PHE A 359 -18.38 4.34 -2.84
C PHE A 359 -19.19 4.13 -1.57
N LYS A 360 -20.01 5.10 -1.18
CA LYS A 360 -20.89 4.93 -0.03
C LYS A 360 -22.27 4.48 -0.53
N LEU A 361 -23.20 4.32 0.42
CA LEU A 361 -24.51 3.74 0.13
C LEU A 361 -25.42 4.69 -0.64
C1 BMA B . 11.87 4.14 3.17
C2 BMA B . 12.52 5.51 3.43
C3 BMA B . 12.74 5.69 4.94
C4 BMA B . 11.48 5.35 5.78
C5 BMA B . 10.77 4.02 5.30
C6 BMA B . 9.39 3.77 5.94
O1 BMA B . 11.63 4.01 1.76
O2 BMA B . 11.68 6.60 3.00
O3 BMA B . 13.17 7.03 5.29
O4 BMA B . 11.89 5.20 7.12
O5 BMA B . 10.63 4.03 3.85
O6 BMA B . 8.68 5.04 6.07
C1 BMA B . 11.27 6.19 7.96
C2 BMA B . 11.32 5.59 9.35
C3 BMA B . 10.69 6.53 10.35
C4 BMA B . 11.14 8.05 10.18
C5 BMA B . 11.32 8.48 8.70
C6 BMA B . 12.14 9.77 8.53
O2 BMA B . 12.68 5.38 9.75
O3 BMA B . 10.96 6.05 11.66
O4 BMA B . 10.16 8.92 10.73
O5 BMA B . 11.94 7.43 7.93
O6 BMA B . 13.44 9.60 9.12
C1 BMA B . 10.42 9.27 12.09
C2 BMA B . 9.68 10.58 12.37
C3 BMA B . 9.88 10.99 13.83
C4 BMA B . 9.52 9.84 14.79
C5 BMA B . 10.27 8.56 14.34
C6 BMA B . 9.96 7.31 15.17
O2 BMA B . 8.28 10.35 12.20
O3 BMA B . 9.12 12.15 14.14
O4 BMA B . 9.98 10.14 16.09
O5 BMA B . 9.96 8.29 12.96
O6 BMA B . 10.72 6.23 14.59
C1 BMA B . 8.98 10.69 16.93
C2 BMA B . 9.28 10.18 18.35
C3 BMA B . 8.48 10.94 19.40
C4 BMA B . 8.53 12.47 19.17
C5 BMA B . 8.11 12.78 17.73
C6 BMA B . 8.19 14.28 17.43
O2 BMA B . 10.65 10.37 18.64
O3 BMA B . 8.90 10.60 20.73
O4 BMA B . 7.65 13.13 20.04
O5 BMA B . 9.02 12.10 16.85
O6 BMA B . 8.37 14.45 16.03
C1 GLA B . 11.63 5.64 15.54
C2 GLA B . 12.40 4.55 14.83
C3 GLA B . 11.43 3.50 14.44
C4 GLA B . 10.89 2.84 15.68
C5 GLA B . 10.15 3.88 16.54
C6 GLA B . 9.82 3.23 17.87
O2 GLA B . 13.01 5.08 13.64
O3 GLA B . 12.08 2.53 13.57
O4 GLA B . 11.96 2.29 16.47
O5 GLA B . 10.92 5.12 16.77
O6 GLA B . 8.91 4.05 18.58
CA CA C . 1.37 -0.74 20.53
CL CL D . -9.53 16.57 -7.14
#